data_4H8N
#
_entry.id   4H8N
#
_cell.length_a   46.210
_cell.length_b   127.450
_cell.length_c   46.440
_cell.angle_alpha   90.00
_cell.angle_beta   108.99
_cell.angle_gamma   90.00
#
_symmetry.space_group_name_H-M   'P 1 21 1'
#
loop_
_entity.id
_entity.type
_entity.pdbx_description
1 polymer 'Conjugated polyketone reductase C2'
2 non-polymer 'NADPH DIHYDRO-NICOTINAMIDE-ADENINE-DINUCLEOTIDE PHOSPHATE'
3 water water
#
_entity_poly.entity_id   1
_entity_poly.type   'polypeptide(L)'
_entity_poly.pdbx_seq_one_letter_code
;GSHMTQSNLLPKTFRTKSGKEISIALGTGTKWKQAQTINDVSTELVDNILLGLKLGFRHIDTAEAYNTQKEVGEALKRTD
VPREDIWVTTKYSPGWGSIKAYSKSPSDSIDKALAQLGVDYVDLFLIHSPFFTTEQTHGYTLEQAWEALVEAKKAGKVRE
IGISNAAIPHLEKLFAASPSPEYYPVVNQIEFHPFLQNQSKNIVRFCQEHGILVEAFSPLAPLARVETNALAETLKRLAE
KYKKTEAQVLLRYTLQRGILPVTTSSKESRLKESLNLFDFELTDEEVNEINKIGDANPYRAFFHEQFKDL
;
_entity_poly.pdbx_strand_id   A,B
#
loop_
_chem_comp.id
_chem_comp.type
_chem_comp.name
_chem_comp.formula
NDP non-polymer 'NADPH DIHYDRO-NICOTINAMIDE-ADENINE-DINUCLEOTIDE PHOSPHATE' 'C21 H30 N7 O17 P3'
#
# COMPACT_ATOMS: atom_id res chain seq x y z
N ASN A 8 -18.68 11.56 -20.94
CA ASN A 8 -18.02 12.90 -21.11
C ASN A 8 -16.70 13.04 -20.37
N LEU A 9 -16.18 11.97 -19.76
CA LEU A 9 -14.97 12.15 -18.91
C LEU A 9 -13.63 11.85 -19.60
N LEU A 10 -13.62 10.83 -20.43
CA LEU A 10 -12.37 10.31 -21.01
C LEU A 10 -12.17 10.83 -22.44
N PRO A 11 -10.98 11.39 -22.73
CA PRO A 11 -10.69 12.00 -24.06
C PRO A 11 -10.53 10.98 -25.14
N LYS A 12 -10.23 9.75 -24.74
CA LYS A 12 -10.06 8.61 -25.67
C LYS A 12 -10.71 7.49 -24.91
N THR A 13 -11.52 6.68 -25.59
CA THR A 13 -12.21 5.70 -24.84
C THR A 13 -12.55 4.49 -25.73
N PHE A 14 -13.16 3.45 -25.16
CA PHE A 14 -13.36 2.20 -25.88
C PHE A 14 -14.66 1.58 -25.45
N ARG A 15 -15.08 0.56 -26.21
CA ARG A 15 -16.30 -0.15 -25.91
C ARG A 15 -16.05 -1.63 -25.93
N THR A 16 -16.83 -2.36 -25.14
CA THR A 16 -16.73 -3.80 -25.10
C THR A 16 -17.22 -4.31 -26.44
N LYS A 17 -17.12 -5.60 -26.63
CA LYS A 17 -17.45 -6.17 -27.94
C LYS A 17 -18.94 -5.96 -28.21
N SER A 18 -19.75 -6.00 -27.15
CA SER A 18 -21.20 -5.81 -27.28
C SER A 18 -21.54 -4.35 -27.40
N GLY A 19 -20.52 -3.50 -27.29
CA GLY A 19 -20.71 -2.07 -27.44
C GLY A 19 -20.94 -1.26 -26.16
N LYS A 20 -20.70 -1.82 -24.99
CA LYS A 20 -20.76 -1.07 -23.73
C LYS A 20 -19.50 -0.26 -23.43
N GLU A 21 -19.70 0.84 -22.72
CA GLU A 21 -18.64 1.66 -22.15
C GLU A 21 -17.64 0.92 -21.25
N ILE A 22 -16.37 1.18 -21.45
CA ILE A 22 -15.31 0.62 -20.60
C ILE A 22 -15.48 1.36 -19.29
N SER A 23 -15.69 0.63 -18.17
CA SER A 23 -15.83 1.26 -16.85
C SER A 23 -14.48 1.30 -16.12
N ILE A 24 -14.50 1.94 -14.96
CA ILE A 24 -13.39 1.80 -14.08
C ILE A 24 -13.03 0.35 -13.90
N ALA A 25 -11.75 0.09 -13.69
CA ALA A 25 -11.24 -1.27 -13.71
C ALA A 25 -11.18 -1.82 -12.32
N LEU A 26 -11.66 -3.04 -12.11
CA LEU A 26 -11.36 -3.76 -10.90
C LEU A 26 -10.05 -4.44 -10.99
N GLY A 27 -9.10 -4.04 -10.15
CA GLY A 27 -7.81 -4.68 -10.07
C GLY A 27 -7.77 -6.07 -9.41
N THR A 28 -6.86 -6.91 -9.93
CA THR A 28 -6.68 -8.26 -9.41
C THR A 28 -5.18 -8.44 -9.13
N GLY A 29 -4.46 -7.33 -8.97
CA GLY A 29 -3.06 -7.38 -8.70
C GLY A 29 -2.85 -7.02 -7.21
N THR A 30 -1.71 -6.40 -6.93
CA THR A 30 -1.42 -5.86 -5.55
C THR A 30 -1.74 -6.88 -4.43
N LYS A 31 -2.64 -6.59 -3.49
CA LYS A 31 -2.93 -7.52 -2.37
C LYS A 31 -3.41 -8.94 -2.82
N TRP A 32 -3.92 -9.05 -4.04
CA TRP A 32 -4.49 -10.28 -4.60
C TRP A 32 -3.50 -11.16 -5.32
N LYS A 33 -2.34 -10.63 -5.67
CA LYS A 33 -1.43 -11.43 -6.52
C LYS A 33 -0.94 -12.72 -5.84
N GLN A 34 -0.42 -13.64 -6.65
CA GLN A 34 -0.09 -14.99 -6.16
C GLN A 34 1.25 -15.45 -6.68
N ALA A 35 1.83 -16.45 -6.02
CA ALA A 35 3.04 -17.07 -6.53
C ALA A 35 2.69 -17.74 -7.88
N GLN A 36 3.62 -17.77 -8.82
CA GLN A 36 3.26 -18.13 -10.21
C GLN A 36 2.97 -19.63 -10.32
N THR A 37 3.60 -20.44 -9.49
CA THR A 37 3.52 -21.88 -9.64
C THR A 37 2.24 -22.44 -9.07
N ILE A 38 1.47 -21.60 -8.37
CA ILE A 38 0.11 -21.93 -7.94
C ILE A 38 -0.88 -22.15 -9.10
N ASN A 39 -1.62 -23.28 -9.08
CA ASN A 39 -2.72 -23.54 -10.04
C ASN A 39 -4.05 -23.44 -9.32
N ASP A 40 -3.97 -23.62 -8.01
CA ASP A 40 -5.01 -23.24 -7.01
C ASP A 40 -5.79 -22.02 -7.52
N VAL A 41 -7.11 -22.10 -7.51
CA VAL A 41 -7.91 -20.89 -7.64
C VAL A 41 -8.09 -20.35 -6.22
N SER A 42 -7.99 -19.04 -6.02
CA SER A 42 -8.33 -18.47 -4.73
C SER A 42 -9.83 -18.19 -4.75
N THR A 43 -10.60 -18.99 -4.02
CA THR A 43 -11.99 -18.75 -4.10
C THR A 43 -12.29 -17.36 -3.62
N GLU A 44 -11.44 -16.84 -2.72
CA GLU A 44 -11.59 -15.50 -2.13
C GLU A 44 -11.61 -14.47 -3.27
N LEU A 45 -10.62 -14.56 -4.12
CA LEU A 45 -10.54 -13.61 -5.29
C LEU A 45 -11.66 -13.84 -6.32
N VAL A 46 -11.98 -15.09 -6.62
CA VAL A 46 -13.04 -15.31 -7.59
C VAL A 46 -14.29 -14.66 -7.11
N ASP A 47 -14.60 -14.87 -5.82
CA ASP A 47 -15.83 -14.24 -5.32
C ASP A 47 -15.77 -12.73 -5.37
N ASN A 48 -14.61 -12.17 -5.10
CA ASN A 48 -14.45 -10.74 -5.26
C ASN A 48 -14.72 -10.24 -6.67
N ILE A 49 -14.20 -10.94 -7.67
CA ILE A 49 -14.45 -10.55 -9.07
C ILE A 49 -15.93 -10.68 -9.48
N LEU A 50 -16.54 -11.82 -9.11
CA LEU A 50 -17.98 -12.02 -9.31
C LEU A 50 -18.79 -10.93 -8.63
N LEU A 51 -18.39 -10.56 -7.42
CA LEU A 51 -19.07 -9.49 -6.67
C LEU A 51 -18.97 -8.17 -7.42
N GLY A 52 -17.74 -7.78 -7.81
CA GLY A 52 -17.60 -6.57 -8.61
C GLY A 52 -18.46 -6.62 -9.85
N LEU A 53 -18.50 -7.76 -10.54
CA LEU A 53 -19.27 -7.78 -11.77
C LEU A 53 -20.76 -7.56 -11.45
N LYS A 54 -21.25 -8.20 -10.39
CA LYS A 54 -22.68 -8.03 -9.98
C LYS A 54 -22.96 -6.58 -9.64
N LEU A 55 -22.06 -5.96 -8.85
CA LEU A 55 -22.22 -4.55 -8.54
C LEU A 55 -22.16 -3.63 -9.73
N GLY A 56 -21.48 -4.01 -10.82
CA GLY A 56 -21.54 -3.12 -11.96
C GLY A 56 -20.20 -2.91 -12.64
N PHE A 57 -19.12 -3.45 -12.07
CA PHE A 57 -17.84 -3.37 -12.81
C PHE A 57 -18.00 -4.07 -14.15
N ARG A 58 -17.46 -3.48 -15.22
CA ARG A 58 -17.41 -4.14 -16.55
C ARG A 58 -16.00 -4.13 -17.14
N HIS A 59 -15.03 -3.99 -16.25
CA HIS A 59 -13.59 -3.88 -16.65
C HIS A 59 -12.77 -4.51 -15.59
N ILE A 60 -12.03 -5.57 -15.96
CA ILE A 60 -11.19 -6.29 -15.02
C ILE A 60 -9.76 -6.09 -15.50
N ASP A 61 -8.86 -5.73 -14.58
CA ASP A 61 -7.42 -5.59 -14.86
C ASP A 61 -6.68 -6.72 -14.19
N THR A 62 -5.96 -7.52 -14.97
CA THR A 62 -5.12 -8.47 -14.33
C THR A 62 -3.79 -8.41 -15.05
N ALA A 63 -2.97 -9.42 -14.85
CA ALA A 63 -1.62 -9.47 -15.48
C ALA A 63 -1.02 -10.84 -15.35
N GLU A 64 -0.18 -11.20 -16.30
CA GLU A 64 0.61 -12.44 -16.14
C GLU A 64 1.28 -12.54 -14.77
N ALA A 65 1.91 -11.44 -14.35
CA ALA A 65 2.69 -11.53 -13.11
C ALA A 65 1.85 -11.76 -11.87
N TYR A 66 0.54 -11.43 -11.88
CA TYR A 66 -0.22 -11.57 -10.67
C TYR A 66 -0.62 -13.04 -10.44
N ASN A 67 -0.52 -13.82 -11.50
CA ASN A 67 -1.00 -15.21 -11.49
C ASN A 67 -2.46 -15.26 -11.05
N THR A 68 -3.29 -14.32 -11.51
CA THR A 68 -4.75 -14.29 -11.22
C THR A 68 -5.59 -14.37 -12.48
N GLN A 69 -4.94 -14.70 -13.62
CA GLN A 69 -5.67 -14.87 -14.87
C GLN A 69 -6.67 -16.05 -14.78
N LYS A 70 -6.26 -17.05 -14.05
CA LYS A 70 -7.08 -18.22 -13.83
C LYS A 70 -8.32 -17.87 -12.98
N GLU A 71 -8.16 -17.06 -11.93
CA GLU A 71 -9.31 -16.61 -11.19
C GLU A 71 -10.21 -15.76 -11.99
N VAL A 72 -9.70 -14.80 -12.81
CA VAL A 72 -10.53 -14.06 -13.70
C VAL A 72 -11.26 -15.04 -14.63
N GLY A 73 -10.51 -16.05 -15.11
CA GLY A 73 -11.17 -16.98 -16.08
C GLY A 73 -12.39 -17.69 -15.39
N GLU A 74 -12.16 -18.12 -14.18
CA GLU A 74 -13.23 -18.80 -13.42
C GLU A 74 -14.40 -17.87 -13.22
N ALA A 75 -14.11 -16.59 -12.91
CA ALA A 75 -15.22 -15.67 -12.73
C ALA A 75 -16.02 -15.44 -14.02
N LEU A 76 -15.31 -15.31 -15.15
CA LEU A 76 -15.97 -15.12 -16.42
C LEU A 76 -16.88 -16.33 -16.73
N LYS A 77 -16.46 -17.53 -16.39
CA LYS A 77 -17.35 -18.72 -16.57
C LYS A 77 -18.58 -18.69 -15.67
N ARG A 78 -18.40 -18.29 -14.41
CA ARG A 78 -19.46 -18.39 -13.37
C ARG A 78 -20.44 -17.23 -13.39
N THR A 79 -19.98 -16.07 -13.83
CA THR A 79 -20.81 -14.85 -13.89
C THR A 79 -21.97 -14.89 -14.86
N ASP A 80 -23.07 -14.26 -14.47
CA ASP A 80 -24.17 -14.09 -15.42
C ASP A 80 -23.97 -12.96 -16.44
N VAL A 81 -23.01 -12.07 -16.22
CA VAL A 81 -22.76 -11.02 -17.18
C VAL A 81 -22.15 -11.59 -18.44
N PRO A 82 -22.71 -11.27 -19.58
CA PRO A 82 -22.09 -11.81 -20.81
C PRO A 82 -20.61 -11.40 -20.94
N ARG A 83 -19.77 -12.32 -21.39
CA ARG A 83 -18.35 -11.92 -21.61
C ARG A 83 -18.20 -10.76 -22.54
N GLU A 84 -19.06 -10.68 -23.53
CA GLU A 84 -18.97 -9.58 -24.45
C GLU A 84 -19.31 -8.21 -23.85
N ASP A 85 -19.93 -8.22 -22.67
CA ASP A 85 -20.27 -6.97 -21.99
C ASP A 85 -19.10 -6.58 -21.06
N ILE A 86 -18.06 -7.39 -20.95
CA ILE A 86 -16.93 -7.13 -20.05
C ILE A 86 -15.65 -6.75 -20.85
N TRP A 87 -14.86 -5.82 -20.31
CA TRP A 87 -13.56 -5.47 -20.89
C TRP A 87 -12.49 -6.18 -20.05
N VAL A 88 -11.70 -7.04 -20.68
CA VAL A 88 -10.63 -7.72 -19.93
C VAL A 88 -9.30 -7.15 -20.36
N THR A 89 -8.58 -6.59 -19.38
CA THR A 89 -7.20 -6.06 -19.61
C THR A 89 -6.21 -6.98 -18.97
N THR A 90 -5.20 -7.43 -19.72
CA THR A 90 -4.10 -8.11 -19.09
C THR A 90 -2.74 -7.67 -19.71
N LYS A 91 -1.67 -8.26 -19.20
CA LYS A 91 -0.33 -7.71 -19.47
C LYS A 91 0.67 -8.82 -19.58
N TYR A 92 1.65 -8.62 -20.47
CA TYR A 92 2.78 -9.50 -20.63
C TYR A 92 3.77 -9.04 -19.59
N SER A 93 4.19 -9.94 -18.72
CA SER A 93 5.05 -9.47 -17.60
C SER A 93 6.50 -9.87 -17.83
N PRO A 94 7.39 -8.88 -18.08
CA PRO A 94 8.74 -9.25 -18.49
C PRO A 94 9.64 -9.57 -17.32
N GLY A 95 9.21 -9.43 -16.06
CA GLY A 95 10.17 -9.68 -14.97
C GLY A 95 10.57 -8.42 -14.25
N TRP A 96 11.16 -8.58 -13.07
CA TRP A 96 11.49 -7.49 -12.20
C TRP A 96 12.49 -7.97 -11.14
N GLY A 97 13.49 -7.15 -10.88
CA GLY A 97 14.65 -7.54 -10.04
C GLY A 97 15.02 -8.98 -10.30
N SER A 98 15.00 -9.81 -9.25
CA SER A 98 15.40 -11.24 -9.35
C SER A 98 14.53 -12.04 -10.36
N ILE A 99 13.25 -11.67 -10.44
CA ILE A 99 12.23 -12.43 -11.16
C ILE A 99 12.29 -12.21 -12.71
N LYS A 100 12.40 -13.28 -13.47
CA LYS A 100 12.38 -13.13 -14.92
C LYS A 100 11.02 -13.43 -15.50
N ALA A 101 10.90 -13.27 -16.83
CA ALA A 101 9.57 -13.41 -17.46
C ALA A 101 9.07 -14.85 -17.24
N TYR A 102 7.79 -15.00 -16.94
CA TYR A 102 7.24 -16.34 -16.69
C TYR A 102 7.12 -17.10 -18.02
N SER A 103 6.88 -16.36 -19.10
CA SER A 103 6.66 -16.93 -20.43
C SER A 103 7.96 -16.88 -21.20
N LYS A 104 8.08 -17.83 -22.13
CA LYS A 104 9.28 -17.93 -22.95
C LYS A 104 9.39 -16.81 -23.99
N SER A 105 8.25 -16.25 -24.38
CA SER A 105 8.23 -15.21 -25.35
C SER A 105 6.99 -14.38 -25.05
N PRO A 106 7.00 -13.12 -25.49
CA PRO A 106 5.72 -12.32 -25.44
C PRO A 106 4.57 -13.02 -26.20
N SER A 107 4.88 -13.61 -27.36
CA SER A 107 3.79 -14.26 -28.08
C SER A 107 3.21 -15.44 -27.24
N ASP A 108 4.03 -16.17 -26.46
CA ASP A 108 3.54 -17.31 -25.68
C ASP A 108 2.71 -16.73 -24.53
N SER A 109 3.12 -15.56 -24.08
CA SER A 109 2.36 -14.92 -22.98
C SER A 109 0.92 -14.67 -23.40
N ILE A 110 0.71 -14.19 -24.60
CA ILE A 110 -0.65 -13.87 -25.03
C ILE A 110 -1.43 -15.17 -25.16
N ASP A 111 -0.84 -16.20 -25.76
CA ASP A 111 -1.59 -17.48 -25.90
C ASP A 111 -1.92 -18.04 -24.51
N LYS A 112 -0.98 -17.93 -23.57
CA LYS A 112 -1.21 -18.29 -22.18
C LYS A 112 -2.33 -17.49 -21.50
N ALA A 113 -2.45 -16.20 -21.82
CA ALA A 113 -3.54 -15.41 -21.27
C ALA A 113 -4.89 -15.90 -21.81
N LEU A 114 -4.95 -16.15 -23.13
CA LEU A 114 -6.21 -16.63 -23.69
C LEU A 114 -6.61 -17.93 -22.97
N ALA A 115 -5.63 -18.80 -22.74
CA ALA A 115 -5.92 -20.18 -22.17
C ALA A 115 -6.40 -20.08 -20.71
N GLN A 116 -5.65 -19.33 -19.89
CA GLN A 116 -6.00 -19.18 -18.48
C GLN A 116 -7.29 -18.40 -18.28
N LEU A 117 -7.54 -17.35 -19.09
CA LEU A 117 -8.78 -16.59 -18.97
C LEU A 117 -9.96 -17.35 -19.60
N GLY A 118 -9.67 -18.32 -20.45
CA GLY A 118 -10.70 -19.11 -21.21
C GLY A 118 -11.57 -18.27 -22.11
N VAL A 119 -10.92 -17.34 -22.82
CA VAL A 119 -11.56 -16.44 -23.72
C VAL A 119 -10.97 -16.66 -25.10
N ASP A 120 -11.69 -16.25 -26.12
CA ASP A 120 -11.22 -16.28 -27.51
C ASP A 120 -10.49 -15.00 -27.87
N TYR A 121 -10.64 -13.94 -27.06
CA TYR A 121 -9.94 -12.65 -27.33
C TYR A 121 -9.82 -11.93 -25.97
N VAL A 122 -8.76 -11.14 -25.86
CA VAL A 122 -8.58 -10.15 -24.76
C VAL A 122 -8.95 -8.80 -25.29
N ASP A 123 -9.58 -7.92 -24.50
CA ASP A 123 -9.86 -6.57 -25.04
C ASP A 123 -8.62 -5.70 -25.14
N LEU A 124 -7.81 -5.72 -24.06
CA LEU A 124 -6.62 -4.85 -23.98
C LEU A 124 -5.42 -5.62 -23.47
N PHE A 125 -4.31 -5.62 -24.21
CA PHE A 125 -3.16 -6.39 -23.81
C PHE A 125 -1.99 -5.38 -23.76
N LEU A 126 -1.36 -5.30 -22.56
CA LEU A 126 -0.33 -4.29 -22.39
C LEU A 126 1.03 -4.99 -22.18
N ILE A 127 2.12 -4.34 -22.57
CA ILE A 127 3.46 -4.69 -22.02
C ILE A 127 3.49 -4.08 -20.60
N HIS A 128 3.78 -4.93 -19.61
CA HIS A 128 3.62 -4.56 -18.19
C HIS A 128 4.57 -3.43 -17.80
N SER A 129 5.76 -3.40 -18.40
CA SER A 129 6.73 -2.36 -18.05
C SER A 129 7.79 -2.36 -19.11
N PRO A 130 8.45 -1.20 -19.33
CA PRO A 130 9.50 -1.17 -20.31
C PRO A 130 10.83 -1.40 -19.62
N PHE A 131 10.83 -1.58 -18.29
CA PHE A 131 12.08 -1.72 -17.51
C PHE A 131 12.50 -3.20 -17.41
N PHE A 132 13.08 -3.72 -18.49
CA PHE A 132 13.57 -5.10 -18.51
C PHE A 132 14.78 -5.23 -19.45
N THR A 133 15.49 -6.34 -19.35
CA THR A 133 16.57 -6.67 -20.33
C THR A 133 16.15 -7.94 -21.01
N THR A 134 16.83 -8.31 -22.10
CA THR A 134 16.45 -9.52 -22.83
C THR A 134 16.81 -10.77 -22.02
N GLU A 135 17.55 -10.61 -20.94
CA GLU A 135 17.86 -11.73 -20.11
C GLU A 135 16.60 -12.04 -19.34
N GLN A 136 15.96 -11.00 -18.85
CA GLN A 136 14.70 -11.23 -18.13
C GLN A 136 13.66 -11.80 -19.05
N THR A 137 13.62 -11.33 -20.30
CA THR A 137 12.54 -11.78 -21.21
C THR A 137 12.87 -13.05 -22.07
N HIS A 138 14.03 -13.66 -21.84
CA HIS A 138 14.50 -14.84 -22.61
C HIS A 138 14.64 -14.52 -24.07
N GLY A 139 15.13 -13.31 -24.34
CA GLY A 139 15.57 -12.94 -25.69
C GLY A 139 14.85 -11.85 -26.45
N TYR A 140 13.97 -11.09 -25.79
CA TYR A 140 13.11 -10.14 -26.48
C TYR A 140 13.28 -8.69 -26.03
N THR A 141 13.47 -7.80 -27.00
CA THR A 141 13.50 -6.38 -26.70
C THR A 141 12.10 -5.80 -26.68
N LEU A 142 11.99 -4.53 -26.26
CA LEU A 142 10.73 -3.81 -26.26
C LEU A 142 10.10 -3.78 -27.65
N GLU A 143 10.89 -3.52 -28.70
CA GLU A 143 10.36 -3.57 -30.05
C GLU A 143 9.84 -4.94 -30.46
N GLN A 144 10.55 -6.00 -30.10
CA GLN A 144 10.16 -7.35 -30.42
C GLN A 144 8.87 -7.73 -29.66
N ALA A 145 8.78 -7.28 -28.43
CA ALA A 145 7.57 -7.51 -27.64
C ALA A 145 6.45 -6.75 -28.30
N TRP A 146 6.71 -5.52 -28.73
CA TRP A 146 5.67 -4.79 -29.43
C TRP A 146 5.23 -5.48 -30.75
N GLU A 147 6.18 -6.07 -31.48
CA GLU A 147 5.80 -6.83 -32.67
C GLU A 147 4.87 -7.96 -32.36
N ALA A 148 5.13 -8.69 -31.27
CA ALA A 148 4.20 -9.75 -30.83
C ALA A 148 2.74 -9.24 -30.61
N LEU A 149 2.61 -8.08 -29.96
CA LEU A 149 1.30 -7.48 -29.68
C LEU A 149 0.64 -7.05 -30.96
N VAL A 150 1.39 -6.42 -31.87
CA VAL A 150 0.88 -6.06 -33.19
C VAL A 150 0.38 -7.32 -33.92
N GLU A 151 1.16 -8.40 -33.94
CA GLU A 151 0.69 -9.65 -34.63
C GLU A 151 -0.60 -10.16 -34.00
N ALA A 152 -0.68 -10.06 -32.67
CA ALA A 152 -1.87 -10.54 -31.97
C ALA A 152 -3.07 -9.69 -32.24
N LYS A 153 -2.87 -8.38 -32.35
CA LYS A 153 -3.97 -7.52 -32.83
C LYS A 153 -4.42 -7.86 -34.27
N LYS A 154 -3.46 -8.07 -35.13
CA LYS A 154 -3.80 -8.44 -36.51
C LYS A 154 -4.52 -9.79 -36.51
N ALA A 155 -4.15 -10.71 -35.67
CA ALA A 155 -4.82 -12.00 -35.62
C ALA A 155 -6.23 -11.91 -35.09
N GLY A 156 -6.54 -10.89 -34.27
CA GLY A 156 -7.84 -10.88 -33.53
C GLY A 156 -7.85 -11.47 -32.12
N LYS A 157 -6.70 -11.92 -31.62
CA LYS A 157 -6.50 -12.42 -30.26
C LYS A 157 -6.73 -11.29 -29.32
N VAL A 158 -6.34 -10.09 -29.75
CA VAL A 158 -6.37 -8.89 -28.88
C VAL A 158 -7.00 -7.73 -29.64
N ARG A 159 -7.90 -6.99 -28.98
CA ARG A 159 -8.61 -5.92 -29.62
C ARG A 159 -7.77 -4.63 -29.69
N GLU A 160 -7.10 -4.32 -28.59
CA GLU A 160 -6.40 -3.06 -28.44
C GLU A 160 -5.09 -3.32 -27.76
N ILE A 161 -4.08 -2.53 -28.13
CA ILE A 161 -2.73 -2.81 -27.58
C ILE A 161 -2.07 -1.59 -26.96
N GLY A 162 -1.31 -1.81 -25.88
CA GLY A 162 -0.65 -0.67 -25.22
C GLY A 162 0.43 -1.09 -24.24
N ILE A 163 0.76 -0.18 -23.31
CA ILE A 163 1.85 -0.44 -22.42
C ILE A 163 1.49 0.05 -21.00
N SER A 164 2.34 -0.23 -20.05
CA SER A 164 2.12 0.28 -18.69
C SER A 164 3.47 0.81 -18.22
N ASN A 165 3.46 1.91 -17.46
CA ASN A 165 4.69 2.43 -16.84
C ASN A 165 5.66 2.95 -17.87
N ALA A 166 5.12 3.43 -18.99
CA ALA A 166 5.98 3.92 -20.09
C ALA A 166 6.17 5.41 -19.86
N ALA A 167 7.41 5.87 -20.03
CA ALA A 167 7.72 7.28 -20.18
C ALA A 167 7.74 7.63 -21.66
N ILE A 168 7.88 8.93 -21.95
CA ILE A 168 7.84 9.38 -23.30
C ILE A 168 8.85 8.66 -24.20
N PRO A 169 10.08 8.44 -23.73
CA PRO A 169 11.02 7.82 -24.70
C PRO A 169 10.59 6.39 -25.09
N HIS A 170 9.89 5.69 -24.18
CA HIS A 170 9.38 4.33 -24.46
C HIS A 170 8.25 4.42 -25.45
N LEU A 171 7.29 5.34 -25.24
CA LEU A 171 6.26 5.55 -26.23
C LEU A 171 6.81 5.85 -27.64
N GLU A 172 7.81 6.70 -27.75
CA GLU A 172 8.42 6.93 -29.06
C GLU A 172 9.01 5.67 -29.67
N LYS A 173 9.59 4.80 -28.86
CA LYS A 173 10.14 3.59 -29.42
C LYS A 173 8.98 2.74 -29.95
N LEU A 174 7.87 2.71 -29.23
CA LEU A 174 6.72 1.94 -29.76
C LEU A 174 6.17 2.51 -31.06
N PHE A 175 6.11 3.84 -31.17
CA PHE A 175 5.55 4.47 -32.35
C PHE A 175 6.42 4.03 -33.49
N ALA A 176 7.74 4.05 -33.27
CA ALA A 176 8.69 3.68 -34.33
C ALA A 176 8.62 2.21 -34.71
N ALA A 177 8.32 1.32 -33.76
CA ALA A 177 8.24 -0.11 -34.06
C ALA A 177 6.89 -0.50 -34.64
N SER A 178 5.96 0.45 -34.70
CA SER A 178 4.65 0.18 -35.29
C SER A 178 4.67 0.24 -36.82
N PRO A 179 3.99 -0.71 -37.51
CA PRO A 179 4.08 -0.69 -38.99
C PRO A 179 3.24 0.47 -39.56
N SER A 180 2.17 0.84 -38.87
CA SER A 180 1.40 2.03 -39.20
C SER A 180 0.63 2.63 -37.99
N PRO A 181 0.06 3.82 -38.17
CA PRO A 181 -0.65 4.48 -37.10
C PRO A 181 -1.70 3.56 -36.45
N GLU A 182 -2.31 2.68 -37.21
CA GLU A 182 -3.33 1.78 -36.70
C GLU A 182 -2.84 0.87 -35.57
N TYR A 183 -1.52 0.75 -35.48
CA TYR A 183 -0.81 -0.15 -34.56
C TYR A 183 -0.05 0.56 -33.46
N TYR A 184 -0.30 1.85 -33.32
CA TYR A 184 0.32 2.62 -32.25
C TYR A 184 -0.24 2.16 -30.89
N PRO A 185 0.54 2.30 -29.81
CA PRO A 185 -0.08 2.04 -28.48
C PRO A 185 -1.27 3.03 -28.24
N VAL A 186 -2.34 2.59 -27.58
CA VAL A 186 -3.51 3.44 -27.35
C VAL A 186 -3.89 3.51 -25.88
N VAL A 187 -3.13 2.84 -25.03
CA VAL A 187 -3.26 2.97 -23.57
C VAL A 187 -1.85 3.02 -22.95
N ASN A 188 -1.68 3.86 -21.94
CA ASN A 188 -0.55 3.79 -21.04
C ASN A 188 -1.08 3.75 -19.61
N GLN A 189 -0.94 2.60 -18.97
CA GLN A 189 -1.38 2.50 -17.58
C GLN A 189 -0.25 2.83 -16.59
N ILE A 190 -0.43 3.91 -15.83
CA ILE A 190 0.63 4.42 -14.97
C ILE A 190 0.16 4.64 -13.53
N GLU A 191 1.08 4.76 -12.57
CA GLU A 191 0.65 5.24 -11.24
C GLU A 191 0.19 6.72 -11.41
N PHE A 192 -1.00 7.07 -10.93
CA PHE A 192 -1.43 8.45 -11.03
C PHE A 192 -2.37 8.64 -9.84
N HIS A 193 -2.19 9.76 -9.14
CA HIS A 193 -3.02 10.21 -7.99
C HIS A 193 -2.49 11.64 -7.70
N PRO A 194 -3.15 12.39 -6.80
CA PRO A 194 -2.71 13.81 -6.68
C PRO A 194 -1.26 13.95 -6.28
N PHE A 195 -0.68 12.99 -5.55
CA PHE A 195 0.76 13.20 -5.11
C PHE A 195 1.74 12.76 -6.17
N LEU A 196 1.25 12.13 -7.24
CA LEU A 196 2.08 11.80 -8.40
C LEU A 196 1.24 12.02 -9.70
N GLN A 197 1.04 13.27 -10.07
CA GLN A 197 0.19 13.55 -11.24
C GLN A 197 0.91 13.32 -12.56
N ASN A 198 2.24 13.12 -12.51
CA ASN A 198 3.01 12.73 -13.69
C ASN A 198 4.06 11.67 -13.32
N GLN A 199 3.78 10.40 -13.60
CA GLN A 199 4.74 9.36 -13.19
C GLN A 199 6.12 9.54 -13.81
N SER A 200 6.17 10.12 -14.99
CA SER A 200 7.45 10.58 -15.57
C SER A 200 7.13 11.89 -16.30
N LYS A 201 8.19 12.59 -16.72
CA LYS A 201 7.97 13.96 -17.20
C LYS A 201 6.87 14.09 -18.23
N ASN A 202 5.87 14.92 -17.93
CA ASN A 202 4.84 15.30 -18.89
C ASN A 202 4.09 14.14 -19.50
N ILE A 203 4.06 13.03 -18.80
CA ILE A 203 3.43 11.85 -19.40
C ILE A 203 1.94 11.94 -19.74
N VAL A 204 1.13 12.53 -18.85
CA VAL A 204 -0.30 12.60 -19.04
C VAL A 204 -0.60 13.47 -20.25
N ARG A 205 -0.01 14.66 -20.31
CA ARG A 205 -0.29 15.49 -21.42
C ARG A 205 0.16 14.86 -22.72
N PHE A 206 1.36 14.27 -22.74
CA PHE A 206 1.87 13.65 -23.95
C PHE A 206 0.90 12.59 -24.44
N CYS A 207 0.49 11.73 -23.49
CA CYS A 207 -0.42 10.66 -23.91
C CYS A 207 -1.72 11.27 -24.45
N GLN A 208 -2.27 12.26 -23.77
CA GLN A 208 -3.61 12.71 -24.17
C GLN A 208 -3.57 13.43 -25.53
N GLU A 209 -2.44 14.02 -25.84
CA GLU A 209 -2.26 14.72 -27.10
C GLU A 209 -1.94 13.79 -28.24
N HIS A 210 -1.63 12.53 -27.94
CA HIS A 210 -1.31 11.59 -29.00
C HIS A 210 -2.37 10.46 -29.02
N GLY A 211 -3.55 10.69 -28.46
CA GLY A 211 -4.63 9.72 -28.58
C GLY A 211 -4.46 8.45 -27.72
N ILE A 212 -3.65 8.56 -26.66
CA ILE A 212 -3.45 7.42 -25.78
C ILE A 212 -4.24 7.65 -24.53
N LEU A 213 -5.10 6.68 -24.20
CA LEU A 213 -5.82 6.74 -22.97
C LEU A 213 -4.85 6.46 -21.81
N VAL A 214 -4.83 7.36 -20.83
CA VAL A 214 -4.09 7.09 -19.61
C VAL A 214 -4.99 6.37 -18.61
N GLU A 215 -4.47 5.34 -17.97
CA GLU A 215 -5.18 4.65 -16.89
C GLU A 215 -4.35 4.94 -15.64
N ALA A 216 -5.01 5.09 -14.51
CA ALA A 216 -4.34 5.28 -13.23
C ALA A 216 -4.41 4.05 -12.33
N PHE A 217 -3.26 3.49 -11.98
CA PHE A 217 -3.30 2.59 -10.84
C PHE A 217 -2.90 3.35 -9.59
N SER A 218 -3.27 2.78 -8.45
CA SER A 218 -3.11 3.42 -7.11
C SER A 218 -3.74 4.81 -7.06
N PRO A 219 -4.93 4.97 -7.64
CA PRO A 219 -5.53 6.27 -7.49
C PRO A 219 -5.97 6.66 -6.06
N LEU A 220 -6.09 5.70 -5.13
CA LEU A 220 -6.46 5.96 -3.72
C LEU A 220 -5.18 6.01 -2.86
N ALA A 221 -4.02 6.18 -3.46
CA ALA A 221 -2.79 6.17 -2.65
C ALA A 221 -2.85 7.12 -1.42
N PRO A 222 -3.51 8.29 -1.55
CA PRO A 222 -3.60 9.23 -0.39
C PRO A 222 -4.39 8.64 0.74
N LEU A 223 -5.29 7.71 0.43
CA LEU A 223 -6.09 7.12 1.49
C LEU A 223 -5.41 5.84 1.97
N ALA A 224 -4.86 5.06 1.04
CA ALA A 224 -4.46 3.72 1.36
C ALA A 224 -2.96 3.62 1.62
N ARG A 225 -2.13 4.40 0.93
CA ARG A 225 -0.70 4.14 1.00
C ARG A 225 0.16 5.02 1.95
N VAL A 226 -0.07 6.34 1.95
CA VAL A 226 0.74 7.32 2.68
C VAL A 226 0.44 7.31 4.19
N GLU A 227 1.45 7.70 4.97
CA GLU A 227 1.29 7.71 6.43
C GLU A 227 0.55 8.95 6.87
N THR A 228 0.85 10.07 6.23
CA THR A 228 -0.04 11.23 6.40
C THR A 228 -0.54 11.75 5.08
N ASN A 229 -1.81 12.05 5.02
CA ASN A 229 -2.42 12.53 3.79
C ASN A 229 -2.65 14.05 3.84
N ALA A 230 -1.79 14.81 3.15
CA ALA A 230 -1.91 16.25 3.11
C ALA A 230 -3.25 16.72 2.49
N LEU A 231 -3.96 15.83 1.81
CA LEU A 231 -5.24 16.18 1.21
C LEU A 231 -6.41 15.90 2.09
N ALA A 232 -6.16 15.41 3.32
CA ALA A 232 -7.28 14.84 4.08
C ALA A 232 -8.41 15.83 4.33
N GLU A 233 -8.03 17.08 4.67
CA GLU A 233 -9.06 18.13 4.98
C GLU A 233 -9.85 18.54 3.75
N THR A 234 -9.13 18.75 2.65
CA THR A 234 -9.75 18.96 1.33
C THR A 234 -10.71 17.81 0.99
N LEU A 235 -10.26 16.56 1.08
CA LEU A 235 -11.16 15.45 0.70
C LEU A 235 -12.37 15.31 1.65
N LYS A 236 -12.14 15.57 2.94
CA LYS A 236 -13.27 15.58 3.86
C LYS A 236 -14.29 16.67 3.51
N ARG A 237 -13.80 17.87 3.25
CA ARG A 237 -14.70 18.96 2.89
C ARG A 237 -15.52 18.57 1.70
N LEU A 238 -14.86 17.99 0.69
CA LEU A 238 -15.61 17.65 -0.55
C LEU A 238 -16.52 16.46 -0.37
N ALA A 239 -16.05 15.48 0.40
CA ALA A 239 -16.89 14.40 0.82
C ALA A 239 -18.20 14.94 1.44
N GLU A 240 -18.08 15.87 2.40
CA GLU A 240 -19.24 16.42 3.15
C GLU A 240 -20.18 17.05 2.13
N LYS A 241 -19.59 17.88 1.27
CA LYS A 241 -20.30 18.68 0.33
C LYS A 241 -21.18 17.79 -0.53
N TYR A 242 -20.56 16.79 -1.14
CA TYR A 242 -21.24 16.02 -2.16
C TYR A 242 -21.99 14.82 -1.57
N LYS A 243 -21.90 14.64 -0.26
CA LYS A 243 -22.39 13.41 0.36
C LYS A 243 -21.74 12.17 -0.29
N LYS A 244 -20.41 12.19 -0.42
CA LYS A 244 -19.69 11.06 -1.00
C LYS A 244 -18.54 10.71 -0.08
N THR A 245 -17.80 9.65 -0.40
CA THR A 245 -16.68 9.31 0.46
C THR A 245 -15.44 9.94 -0.11
N GLU A 246 -14.38 10.03 0.69
CA GLU A 246 -13.14 10.62 0.14
C GLU A 246 -12.58 9.77 -1.04
N ALA A 247 -12.74 8.46 -0.97
CA ALA A 247 -12.37 7.59 -2.14
C ALA A 247 -13.18 7.93 -3.41
N GLN A 248 -14.50 8.11 -3.31
CA GLN A 248 -15.27 8.50 -4.46
C GLN A 248 -14.81 9.85 -5.00
N VAL A 249 -14.46 10.77 -4.10
CA VAL A 249 -13.88 12.05 -4.58
C VAL A 249 -12.63 11.87 -5.42
N LEU A 250 -11.68 11.07 -4.92
CA LEU A 250 -10.46 10.83 -5.67
C LEU A 250 -10.70 10.16 -7.00
N LEU A 251 -11.61 9.20 -7.03
CA LEU A 251 -11.85 8.51 -8.30
C LEU A 251 -12.55 9.41 -9.31
N ARG A 252 -13.46 10.25 -8.83
CA ARG A 252 -14.08 11.25 -9.71
C ARG A 252 -13.06 12.28 -10.24
N TYR A 253 -12.19 12.73 -9.33
CA TYR A 253 -11.14 13.65 -9.69
C TYR A 253 -10.34 13.01 -10.79
N THR A 254 -9.93 11.75 -10.61
CA THR A 254 -9.09 11.06 -11.65
C THR A 254 -9.82 11.08 -13.00
N LEU A 255 -11.10 10.71 -12.99
CA LEU A 255 -11.88 10.71 -14.23
C LEU A 255 -12.01 12.09 -14.82
N GLN A 256 -12.19 13.12 -14.00
CA GLN A 256 -12.24 14.49 -14.55
C GLN A 256 -10.94 14.98 -15.18
N ARG A 257 -9.82 14.43 -14.74
CA ARG A 257 -8.54 14.67 -15.39
C ARG A 257 -8.42 13.90 -16.70
N GLY A 258 -9.44 13.10 -17.00
CA GLY A 258 -9.48 12.36 -18.27
C GLY A 258 -8.82 11.01 -18.20
N ILE A 259 -8.66 10.50 -17.00
CA ILE A 259 -7.90 9.29 -16.75
C ILE A 259 -8.79 8.20 -16.18
N LEU A 260 -8.56 6.97 -16.65
CA LEU A 260 -9.41 5.84 -16.25
C LEU A 260 -8.81 5.15 -15.03
N PRO A 261 -9.49 5.20 -13.88
CA PRO A 261 -8.88 4.55 -12.68
C PRO A 261 -8.96 3.00 -12.67
N VAL A 262 -7.90 2.39 -12.14
CA VAL A 262 -7.83 0.99 -11.87
C VAL A 262 -7.71 0.90 -10.33
N THR A 263 -8.70 0.33 -9.68
CA THR A 263 -8.77 0.38 -8.21
C THR A 263 -9.17 -1.00 -7.72
N THR A 264 -8.84 -1.29 -6.47
CA THR A 264 -9.25 -2.57 -5.90
C THR A 264 -9.75 -2.41 -4.46
N SER A 265 -10.62 -3.33 -4.06
CA SER A 265 -11.09 -3.38 -2.69
C SER A 265 -11.62 -4.76 -2.44
N SER A 266 -11.43 -5.22 -1.20
CA SER A 266 -12.00 -6.49 -0.74
C SER A 266 -13.35 -6.30 -0.02
N LYS A 267 -13.87 -5.09 0.02
CA LYS A 267 -15.06 -4.82 0.81
C LYS A 267 -16.22 -4.44 -0.05
N GLU A 268 -17.29 -5.22 0.04
CA GLU A 268 -18.43 -4.86 -0.75
C GLU A 268 -18.82 -3.38 -0.75
N SER A 269 -18.85 -2.73 0.42
CA SER A 269 -19.34 -1.35 0.42
C SER A 269 -18.48 -0.42 -0.43
N ARG A 270 -17.16 -0.63 -0.37
CA ARG A 270 -16.21 0.19 -1.14
C ARG A 270 -16.25 -0.07 -2.62
N LEU A 271 -16.44 -1.33 -2.97
CA LEU A 271 -16.65 -1.64 -4.36
C LEU A 271 -17.88 -0.93 -4.88
N LYS A 272 -18.99 -1.06 -4.16
CA LYS A 272 -20.21 -0.44 -4.61
C LYS A 272 -19.93 1.06 -4.72
N GLU A 273 -19.26 1.63 -3.74
CA GLU A 273 -19.04 3.06 -3.79
C GLU A 273 -18.15 3.52 -4.93
N SER A 274 -17.12 2.76 -5.20
CA SER A 274 -16.23 3.03 -6.37
C SER A 274 -16.97 3.20 -7.67
N LEU A 275 -18.14 2.58 -7.81
CA LEU A 275 -18.90 2.65 -9.04
C LEU A 275 -19.83 3.86 -9.08
N ASN A 276 -20.21 4.40 -7.90
CA ASN A 276 -21.25 5.44 -7.81
C ASN A 276 -20.61 6.82 -7.92
N LEU A 277 -20.07 7.13 -9.11
CA LEU A 277 -19.30 8.37 -9.33
C LEU A 277 -19.98 9.32 -10.27
N PHE A 278 -21.14 8.93 -10.79
CA PHE A 278 -21.69 9.68 -11.89
C PHE A 278 -22.92 10.52 -11.56
N ASP A 279 -23.13 10.74 -10.28
CA ASP A 279 -24.21 11.58 -9.81
C ASP A 279 -23.69 12.85 -9.14
N PHE A 280 -22.40 13.15 -9.37
CA PHE A 280 -21.85 14.43 -8.88
C PHE A 280 -20.67 14.86 -9.72
N GLU A 281 -20.15 16.04 -9.46
CA GLU A 281 -19.11 16.56 -10.34
C GLU A 281 -18.40 17.67 -9.59
N LEU A 282 -17.11 17.47 -9.37
CA LEU A 282 -16.26 18.51 -8.82
C LEU A 282 -16.14 19.70 -9.76
N THR A 283 -15.98 20.88 -9.16
CA THR A 283 -15.74 22.05 -9.95
C THR A 283 -14.29 22.07 -10.40
N ASP A 284 -14.04 22.86 -11.43
CA ASP A 284 -12.72 23.15 -11.92
C ASP A 284 -11.86 23.57 -10.75
N GLU A 285 -12.38 24.44 -9.89
CA GLU A 285 -11.56 24.89 -8.73
C GLU A 285 -11.29 23.80 -7.69
N GLU A 286 -12.19 22.85 -7.58
CA GLU A 286 -11.96 21.81 -6.63
C GLU A 286 -10.93 20.88 -7.23
N VAL A 287 -11.08 20.60 -8.52
CA VAL A 287 -10.03 19.83 -9.19
C VAL A 287 -8.64 20.51 -9.03
N ASN A 288 -8.58 21.84 -9.26
CA ASN A 288 -7.34 22.56 -9.11
C ASN A 288 -6.82 22.57 -7.67
N GLU A 289 -7.70 22.61 -6.67
CA GLU A 289 -7.27 22.52 -5.28
C GLU A 289 -6.52 21.20 -5.04
N ILE A 290 -7.08 20.13 -5.56
CA ILE A 290 -6.47 18.83 -5.39
C ILE A 290 -5.17 18.83 -6.19
N ASN A 291 -5.15 19.36 -7.41
CA ASN A 291 -3.89 19.36 -8.18
C ASN A 291 -2.79 20.04 -7.37
N LYS A 292 -3.12 21.20 -6.85
CA LYS A 292 -2.11 22.08 -6.15
C LYS A 292 -1.58 21.47 -4.87
N ILE A 293 -2.47 21.07 -3.96
CA ILE A 293 -2.01 20.46 -2.72
C ILE A 293 -1.23 19.16 -3.09
N GLY A 294 -1.68 18.49 -4.15
CA GLY A 294 -1.06 17.22 -4.47
C GLY A 294 0.33 17.40 -4.97
N ASP A 295 0.53 18.40 -5.83
CA ASP A 295 1.86 18.61 -6.41
C ASP A 295 2.87 19.06 -5.34
N ALA A 296 2.41 19.73 -4.29
CA ALA A 296 3.29 20.21 -3.17
C ALA A 296 3.62 19.11 -2.16
N ASN A 297 3.04 17.92 -2.33
CA ASN A 297 3.28 16.85 -1.40
C ASN A 297 3.56 15.51 -2.16
N PRO A 298 4.59 15.50 -2.99
CA PRO A 298 4.91 14.34 -3.82
C PRO A 298 5.06 13.04 -3.04
N TYR A 299 4.53 11.97 -3.63
CA TYR A 299 4.68 10.65 -3.07
C TYR A 299 4.61 9.73 -4.24
N ARG A 300 5.61 8.87 -4.34
CA ARG A 300 5.58 7.80 -5.37
C ARG A 300 5.51 6.47 -4.69
N ALA A 301 4.57 5.63 -5.10
CA ALA A 301 4.49 4.27 -4.50
C ALA A 301 5.38 3.27 -5.21
N PHE A 302 5.57 3.40 -6.51
CA PHE A 302 6.24 2.31 -7.19
C PHE A 302 7.40 2.74 -8.05
N PHE A 303 8.36 1.86 -8.26
CA PHE A 303 9.34 1.95 -9.37
C PHE A 303 10.20 3.17 -9.16
N HIS A 304 10.53 3.43 -7.90
CA HIS A 304 11.39 4.60 -7.58
C HIS A 304 12.75 4.65 -8.35
N GLU A 305 13.52 3.57 -8.35
CA GLU A 305 14.81 3.55 -9.11
C GLU A 305 14.57 3.71 -10.60
N GLN A 306 13.54 3.05 -11.14
CA GLN A 306 13.24 3.12 -12.60
C GLN A 306 12.90 4.53 -13.10
N PHE A 307 12.26 5.34 -12.26
CA PHE A 307 11.83 6.69 -12.68
C PHE A 307 12.78 7.82 -12.29
N LYS A 308 13.87 7.44 -11.62
CA LYS A 308 14.81 8.38 -10.99
C LYS A 308 15.16 9.51 -11.95
N ASP A 309 15.44 9.19 -13.20
CA ASP A 309 15.90 10.20 -14.15
C ASP A 309 14.94 10.39 -15.29
N LEU A 310 13.66 10.14 -15.01
CA LEU A 310 12.67 10.23 -16.05
C LEU A 310 11.58 11.22 -15.59
N LEU B 9 11.59 -14.47 21.68
CA LEU B 9 11.79 -13.90 20.33
C LEU B 9 12.33 -12.48 20.40
N LEU B 10 11.74 -11.65 21.27
CA LEU B 10 12.08 -10.25 21.29
C LEU B 10 13.25 -10.02 22.27
N PRO B 11 14.29 -9.27 21.85
CA PRO B 11 15.43 -9.05 22.74
C PRO B 11 15.08 -8.18 23.95
N LYS B 12 13.98 -7.43 23.88
CA LYS B 12 13.54 -6.57 24.98
C LYS B 12 12.04 -6.70 25.13
N THR B 13 11.65 -7.12 26.32
CA THR B 13 10.31 -7.50 26.71
C THR B 13 9.55 -6.28 27.28
N PHE B 14 8.23 -6.20 27.07
CA PHE B 14 7.37 -5.32 27.87
C PHE B 14 6.10 -6.12 28.22
N ARG B 15 5.38 -5.65 29.26
CA ARG B 15 4.15 -6.28 29.75
C ARG B 15 3.07 -5.23 29.93
N THR B 16 1.82 -5.62 29.69
CA THR B 16 0.66 -4.79 29.96
C THR B 16 0.70 -4.54 31.50
N LYS B 17 -0.18 -3.66 31.99
CA LYS B 17 -0.20 -3.42 33.46
C LYS B 17 -0.53 -4.72 34.19
N SER B 18 -1.38 -5.52 33.59
CA SER B 18 -1.80 -6.79 34.17
C SER B 18 -0.71 -7.87 34.06
N GLY B 19 0.41 -7.57 33.41
CA GLY B 19 1.60 -8.40 33.51
C GLY B 19 1.81 -9.30 32.31
N LYS B 20 0.96 -9.16 31.32
CA LYS B 20 1.06 -9.96 30.14
C LYS B 20 1.99 -9.34 29.09
N GLU B 21 2.91 -10.18 28.61
CA GLU B 21 3.94 -9.80 27.67
C GLU B 21 3.29 -9.28 26.39
N ILE B 22 3.78 -8.13 25.92
CA ILE B 22 3.23 -7.40 24.77
C ILE B 22 3.30 -8.25 23.53
N SER B 23 2.36 -8.10 22.63
CA SER B 23 2.46 -8.95 21.45
C SER B 23 2.16 -8.09 20.25
N ILE B 24 1.99 -8.78 19.12
CA ILE B 24 1.76 -8.14 17.84
C ILE B 24 0.73 -7.01 17.95
N ALA B 25 0.97 -5.90 17.27
CA ALA B 25 0.11 -4.75 17.35
C ALA B 25 -0.89 -4.67 16.20
N LEU B 26 -2.13 -4.29 16.49
CA LEU B 26 -3.15 -4.02 15.47
C LEU B 26 -3.10 -2.53 15.17
N GLY B 27 -2.81 -2.19 13.91
CA GLY B 27 -2.72 -0.78 13.54
C GLY B 27 -4.08 -0.15 13.20
N THR B 28 -4.18 1.14 13.54
CA THR B 28 -5.36 1.97 13.22
C THR B 28 -5.00 3.21 12.41
N GLY B 29 -3.88 3.13 11.69
CA GLY B 29 -3.52 4.19 10.76
C GLY B 29 -3.75 3.66 9.35
N THR B 30 -2.82 4.00 8.49
CA THR B 30 -2.95 3.66 7.08
C THR B 30 -4.40 3.82 6.52
N LYS B 31 -5.07 2.78 6.02
CA LYS B 31 -6.36 3.05 5.36
C LYS B 31 -7.44 3.44 6.36
N TRP B 32 -7.15 3.36 7.66
CA TRP B 32 -8.13 3.79 8.67
C TRP B 32 -8.01 5.28 9.03
N LYS B 33 -6.90 5.90 8.66
CA LYS B 33 -6.67 7.28 9.12
C LYS B 33 -7.74 8.26 8.64
N GLN B 34 -8.01 9.30 9.43
CA GLN B 34 -9.10 10.26 9.12
C GLN B 34 -8.66 11.72 9.16
N ALA B 35 -9.46 12.61 8.59
CA ALA B 35 -9.13 14.03 8.56
C ALA B 35 -9.15 14.51 10.01
N GLN B 36 -8.32 15.51 10.33
CA GLN B 36 -8.17 15.97 11.73
C GLN B 36 -9.50 16.28 12.39
N VAL B 41 -16.76 9.59 15.00
CA VAL B 41 -16.34 8.26 15.44
C VAL B 41 -16.79 7.16 14.46
N SER B 42 -15.82 6.53 13.79
CA SER B 42 -16.11 5.55 12.73
C SER B 42 -16.51 4.19 13.28
N THR B 43 -17.76 3.80 13.10
CA THR B 43 -18.21 2.48 13.57
C THR B 43 -17.46 1.34 12.93
N GLU B 44 -17.21 1.47 11.63
CA GLU B 44 -16.48 0.44 10.93
C GLU B 44 -15.13 0.25 11.65
N LEU B 45 -14.44 1.33 11.97
CA LEU B 45 -13.11 1.15 12.62
C LEU B 45 -13.25 0.65 14.06
N VAL B 46 -14.16 1.23 14.82
CA VAL B 46 -14.44 0.67 16.15
C VAL B 46 -14.69 -0.84 16.09
N ASP B 47 -15.47 -1.28 15.09
CA ASP B 47 -15.90 -2.68 15.04
C ASP B 47 -14.69 -3.54 14.76
N ASN B 48 -13.77 -3.02 13.93
CA ASN B 48 -12.56 -3.79 13.58
C ASN B 48 -11.65 -3.98 14.79
N ILE B 49 -11.57 -2.94 15.64
CA ILE B 49 -10.73 -2.99 16.85
C ILE B 49 -11.37 -4.01 17.82
N LEU B 50 -12.67 -3.89 18.03
CA LEU B 50 -13.36 -4.85 18.91
C LEU B 50 -13.19 -6.28 18.46
N LEU B 51 -13.28 -6.46 17.13
CA LEU B 51 -13.05 -7.79 16.59
C LEU B 51 -11.63 -8.24 16.91
N GLY B 52 -10.64 -7.40 16.62
CA GLY B 52 -9.28 -7.81 16.98
C GLY B 52 -9.12 -8.22 18.40
N LEU B 53 -9.69 -7.42 19.28
CA LEU B 53 -9.50 -7.65 20.69
C LEU B 53 -10.21 -8.96 21.06
N LYS B 54 -11.38 -9.18 20.47
CA LYS B 54 -12.12 -10.40 20.79
C LYS B 54 -11.32 -11.64 20.34
N LEU B 55 -10.60 -11.56 19.22
CA LEU B 55 -9.81 -12.70 18.69
C LEU B 55 -8.49 -12.94 19.43
N GLY B 56 -8.04 -11.94 20.19
CA GLY B 56 -6.91 -12.08 21.05
C GLY B 56 -5.83 -11.00 20.87
N PHE B 57 -6.02 -10.00 20.00
CA PHE B 57 -5.02 -8.87 20.02
C PHE B 57 -5.06 -8.22 21.37
N ARG B 58 -3.89 -7.73 21.86
CA ARG B 58 -3.75 -7.05 23.13
C ARG B 58 -2.80 -5.87 22.97
N HIS B 59 -2.59 -5.45 21.74
CA HIS B 59 -1.75 -4.26 21.50
C HIS B 59 -2.41 -3.46 20.37
N ILE B 60 -2.70 -2.17 20.62
CA ILE B 60 -3.32 -1.30 19.58
C ILE B 60 -2.35 -0.23 19.28
N ASP B 61 -2.10 0.05 17.98
CA ASP B 61 -1.21 1.15 17.56
C ASP B 61 -2.03 2.27 16.95
N THR B 62 -1.95 3.48 17.51
CA THR B 62 -2.61 4.64 16.86
C THR B 62 -1.67 5.81 16.85
N ALA B 63 -2.14 6.99 16.51
CA ALA B 63 -1.33 8.18 16.42
C ALA B 63 -2.24 9.37 16.42
N GLU B 64 -1.75 10.48 16.95
CA GLU B 64 -2.48 11.75 16.85
C GLU B 64 -2.84 12.09 15.39
N ALA B 65 -1.87 11.92 14.49
CA ALA B 65 -2.07 12.12 13.03
C ALA B 65 -3.22 11.33 12.40
N TYR B 66 -3.57 10.15 12.92
CA TYR B 66 -4.52 9.27 12.24
C TYR B 66 -5.93 9.75 12.53
N ASN B 67 -6.03 10.53 13.61
CA ASN B 67 -7.33 10.91 14.17
C ASN B 67 -8.13 9.67 14.40
N THR B 68 -7.50 8.64 14.97
CA THR B 68 -8.30 7.48 15.33
C THR B 68 -8.26 7.21 16.85
N GLN B 69 -7.71 8.15 17.62
CA GLN B 69 -7.60 7.89 19.07
C GLN B 69 -8.99 7.79 19.64
N LYS B 70 -9.89 8.62 19.12
CA LYS B 70 -11.32 8.53 19.61
C LYS B 70 -11.95 7.17 19.35
N GLU B 71 -11.65 6.56 18.19
CA GLU B 71 -12.18 5.22 17.92
C GLU B 71 -11.55 4.17 18.80
N VAL B 72 -10.23 4.24 19.01
CA VAL B 72 -9.60 3.38 19.98
C VAL B 72 -10.28 3.56 21.34
N GLY B 73 -10.55 4.82 21.70
CA GLY B 73 -11.18 5.11 23.00
C GLY B 73 -12.53 4.45 23.12
N GLU B 74 -13.36 4.63 22.09
CA GLU B 74 -14.64 3.94 22.01
C GLU B 74 -14.52 2.41 22.09
N ALA B 75 -13.53 1.83 21.41
CA ALA B 75 -13.37 0.37 21.46
C ALA B 75 -12.92 -0.02 22.85
N LEU B 76 -12.10 0.82 23.50
CA LEU B 76 -11.64 0.49 24.87
C LEU B 76 -12.86 0.51 25.82
N LYS B 77 -13.76 1.47 25.59
CA LYS B 77 -14.99 1.54 26.42
C LYS B 77 -15.82 0.30 26.26
N ARG B 78 -16.15 -0.04 25.02
CA ARG B 78 -17.06 -1.15 24.70
C ARG B 78 -16.53 -2.57 24.88
N THR B 79 -15.22 -2.77 24.81
CA THR B 79 -14.75 -4.10 24.89
C THR B 79 -14.97 -4.75 26.26
N ASP B 80 -15.14 -6.07 26.20
CA ASP B 80 -15.09 -6.98 27.36
C ASP B 80 -13.68 -7.17 27.97
N VAL B 81 -12.64 -6.89 27.21
CA VAL B 81 -11.29 -6.99 27.74
C VAL B 81 -10.87 -5.88 28.72
N PRO B 82 -10.27 -6.24 29.85
CA PRO B 82 -9.91 -5.11 30.74
C PRO B 82 -8.80 -4.21 30.21
N ARG B 83 -8.82 -2.94 30.62
CA ARG B 83 -7.82 -1.99 30.11
C ARG B 83 -6.41 -2.51 30.41
N GLU B 84 -6.24 -3.08 31.59
CA GLU B 84 -4.92 -3.38 32.00
C GLU B 84 -4.38 -4.58 31.26
N ASP B 85 -5.21 -5.30 30.50
CA ASP B 85 -4.68 -6.42 29.74
C ASP B 85 -4.34 -5.95 28.32
N ILE B 86 -4.39 -4.65 28.07
CA ILE B 86 -4.19 -4.14 26.70
C ILE B 86 -3.06 -3.15 26.74
N TRP B 87 -2.25 -3.13 25.67
CA TRP B 87 -1.12 -2.24 25.56
C TRP B 87 -1.54 -1.22 24.46
N VAL B 88 -1.57 0.06 24.79
CA VAL B 88 -1.98 1.10 23.85
C VAL B 88 -0.80 1.93 23.55
N THR B 89 -0.47 2.09 22.24
CA THR B 89 0.66 2.85 21.81
C THR B 89 0.09 4.00 20.98
N THR B 90 0.55 5.21 21.25
CA THR B 90 0.15 6.28 20.35
C THR B 90 1.33 7.19 20.14
N LYS B 91 1.12 8.29 19.41
CA LYS B 91 2.29 9.04 18.93
C LYS B 91 1.93 10.50 18.91
N TYR B 92 2.92 11.31 19.19
CA TYR B 92 2.78 12.78 19.03
C TYR B 92 3.14 13.09 17.60
N SER B 93 2.23 13.75 16.88
CA SER B 93 2.50 13.98 15.45
C SER B 93 3.04 15.43 15.23
N PRO B 94 4.33 15.59 14.87
CA PRO B 94 4.85 16.96 14.91
C PRO B 94 4.55 17.85 13.69
N GLY B 95 3.89 17.29 12.67
CA GLY B 95 3.60 18.02 11.44
C GLY B 95 4.31 17.37 10.26
N TRP B 96 4.03 17.86 9.07
CA TRP B 96 4.58 17.29 7.85
C TRP B 96 4.36 18.36 6.79
N GLY B 97 5.46 19.03 6.40
CA GLY B 97 5.49 20.08 5.38
C GLY B 97 5.03 21.43 5.94
N SER B 98 4.03 21.99 5.29
CA SER B 98 3.36 23.20 5.77
C SER B 98 2.20 22.83 6.69
N ILE B 99 2.02 21.51 6.95
CA ILE B 99 1.01 21.07 7.92
C ILE B 99 1.63 21.02 9.30
N LYS B 100 1.25 21.92 10.18
CA LYS B 100 1.93 22.05 11.44
C LYS B 100 1.28 21.08 12.45
N ALA B 101 1.94 20.90 13.58
CA ALA B 101 1.39 20.03 14.64
C ALA B 101 -0.02 20.44 14.95
N TYR B 102 -0.88 19.46 15.13
CA TYR B 102 -2.21 19.68 15.59
C TYR B 102 -2.21 20.22 16.98
N SER B 103 -1.27 19.77 17.81
CA SER B 103 -1.26 20.23 19.19
C SER B 103 -0.26 21.36 19.33
N LYS B 104 -0.56 22.30 20.23
CA LYS B 104 0.30 23.48 20.37
C LYS B 104 1.59 23.15 21.11
N SER B 105 1.64 21.96 21.71
CA SER B 105 2.86 21.45 22.33
C SER B 105 2.87 19.90 22.43
N PRO B 106 4.05 19.31 22.53
CA PRO B 106 4.09 17.88 22.81
C PRO B 106 3.35 17.51 24.10
N SER B 107 3.47 18.36 25.14
CA SER B 107 2.77 18.06 26.40
C SER B 107 1.29 18.08 26.16
N ASP B 108 0.82 19.05 25.36
CA ASP B 108 -0.61 19.10 25.04
C ASP B 108 -1.06 17.83 24.27
N SER B 109 -0.20 17.33 23.40
CA SER B 109 -0.57 16.18 22.62
C SER B 109 -0.78 14.97 23.54
N ILE B 110 0.05 14.83 24.57
CA ILE B 110 -0.09 13.72 25.53
C ILE B 110 -1.42 13.84 26.25
N ASP B 111 -1.68 15.02 26.79
CA ASP B 111 -2.99 15.23 27.42
C ASP B 111 -4.18 14.99 26.52
N LYS B 112 -4.09 15.49 25.29
CA LYS B 112 -5.13 15.17 24.31
C LYS B 112 -5.30 13.65 24.11
N ALA B 113 -4.19 12.89 24.12
CA ALA B 113 -4.27 11.46 23.83
C ALA B 113 -5.04 10.79 24.97
N LEU B 114 -4.66 11.10 26.21
CA LEU B 114 -5.44 10.55 27.36
C LEU B 114 -6.94 10.88 27.27
N ALA B 115 -7.26 12.11 26.96
CA ALA B 115 -8.68 12.51 26.88
C ALA B 115 -9.40 11.73 25.78
N GLN B 116 -8.75 11.58 24.63
CA GLN B 116 -9.47 11.05 23.47
C GLN B 116 -9.57 9.54 23.56
N LEU B 117 -8.50 8.90 24.08
CA LEU B 117 -8.47 7.48 24.34
C LEU B 117 -9.31 7.10 25.58
N GLY B 118 -9.60 8.08 26.43
CA GLY B 118 -10.51 7.80 27.53
C GLY B 118 -9.77 7.01 28.58
N VAL B 119 -8.46 7.24 28.73
CA VAL B 119 -7.60 6.46 29.63
C VAL B 119 -6.86 7.38 30.60
N ASP B 120 -6.38 6.79 31.69
CA ASP B 120 -5.56 7.50 32.68
C ASP B 120 -4.11 7.33 32.40
N TYR B 121 -3.72 6.36 31.57
CA TYR B 121 -2.32 6.27 31.15
C TYR B 121 -2.28 5.64 29.76
N VAL B 122 -1.17 5.87 29.08
CA VAL B 122 -0.90 5.25 27.78
C VAL B 122 0.31 4.33 27.98
N ASP B 123 0.35 3.14 27.33
CA ASP B 123 1.50 2.29 27.55
C ASP B 123 2.79 2.80 26.92
N LEU B 124 2.67 3.23 25.67
CA LEU B 124 3.84 3.60 24.91
C LEU B 124 3.49 4.87 24.17
N PHE B 125 4.32 5.88 24.31
CA PHE B 125 4.08 7.14 23.59
C PHE B 125 5.34 7.43 22.81
N LEU B 126 5.17 7.65 21.52
CA LEU B 126 6.29 7.86 20.63
C LEU B 126 6.26 9.25 20.02
N ILE B 127 7.43 9.82 19.75
CA ILE B 127 7.43 10.97 18.79
C ILE B 127 7.26 10.37 17.37
N HIS B 128 6.34 10.87 16.56
CA HIS B 128 5.92 10.15 15.34
C HIS B 128 7.02 10.12 14.25
N SER B 129 7.84 11.16 14.24
CA SER B 129 9.01 11.20 13.40
C SER B 129 9.91 12.35 13.78
N PRO B 130 11.19 12.23 13.43
CA PRO B 130 12.13 13.26 13.85
C PRO B 130 12.24 14.38 12.76
N PHE B 131 11.58 14.20 11.62
CA PHE B 131 11.73 15.14 10.49
C PHE B 131 10.86 16.35 10.66
N PHE B 132 11.23 17.28 11.54
CA PHE B 132 10.39 18.51 11.69
C PHE B 132 11.23 19.67 12.15
N THR B 133 10.70 20.90 12.13
CA THR B 133 11.42 22.06 12.69
C THR B 133 10.63 22.69 13.85
N THR B 134 11.20 23.66 14.59
CA THR B 134 10.38 24.31 15.58
C THR B 134 9.16 25.00 15.00
N GLU B 135 9.16 25.43 13.73
CA GLU B 135 7.95 26.11 13.23
C GLU B 135 6.81 25.09 13.03
N GLN B 136 7.17 23.85 12.77
CA GLN B 136 6.12 22.89 12.59
C GLN B 136 5.43 22.58 13.92
N THR B 137 6.22 22.60 14.98
CA THR B 137 5.73 22.13 16.25
C THR B 137 5.28 23.30 17.12
N HIS B 138 5.39 24.54 16.59
CA HIS B 138 5.01 25.77 17.36
C HIS B 138 5.96 26.06 18.51
N GLY B 139 7.24 25.80 18.30
CA GLY B 139 8.28 26.22 19.25
C GLY B 139 9.11 25.10 19.86
N TYR B 140 8.92 23.84 19.42
CA TYR B 140 9.65 22.72 20.07
C TYR B 140 10.72 21.96 19.24
N THR B 141 11.93 21.82 19.77
CA THR B 141 12.91 21.01 19.10
C THR B 141 12.63 19.53 19.38
N LEU B 142 13.38 18.66 18.73
CA LEU B 142 13.32 17.22 19.07
C LEU B 142 13.63 16.99 20.57
N GLU B 143 14.68 17.64 21.07
CA GLU B 143 15.10 17.45 22.48
C GLU B 143 13.99 17.96 23.39
N GLN B 144 13.34 19.07 23.01
CA GLN B 144 12.20 19.54 23.82
C GLN B 144 11.03 18.56 23.78
N ALA B 145 10.81 17.93 22.62
CA ALA B 145 9.71 16.99 22.56
C ALA B 145 10.10 15.81 23.46
N TRP B 146 11.37 15.44 23.46
CA TRP B 146 11.77 14.33 24.27
C TRP B 146 11.57 14.69 25.75
N GLU B 147 11.83 15.94 26.10
CA GLU B 147 11.67 16.29 27.53
C GLU B 147 10.24 16.18 27.97
N ALA B 148 9.30 16.52 27.10
CA ALA B 148 7.91 16.42 27.44
C ALA B 148 7.50 14.96 27.65
N LEU B 149 8.08 14.06 26.84
CA LEU B 149 7.82 12.62 27.02
C LEU B 149 8.37 12.12 28.37
N VAL B 150 9.55 12.62 28.72
CA VAL B 150 10.25 12.22 29.94
C VAL B 150 9.37 12.69 31.08
N GLU B 151 8.92 13.94 30.98
CA GLU B 151 7.99 14.49 31.98
C GLU B 151 6.72 13.66 32.14
N ALA B 152 6.15 13.17 31.04
CA ALA B 152 4.90 12.48 31.14
C ALA B 152 5.12 11.12 31.75
N LYS B 153 6.29 10.54 31.48
CA LYS B 153 6.62 9.22 32.03
C LYS B 153 6.80 9.37 33.56
N LYS B 154 7.49 10.41 33.97
CA LYS B 154 7.65 10.70 35.40
C LYS B 154 6.30 10.88 36.10
N ALA B 155 5.37 11.55 35.42
CA ALA B 155 4.01 11.80 35.93
C ALA B 155 3.14 10.56 36.01
N GLY B 156 3.51 9.50 35.28
CA GLY B 156 2.73 8.23 35.24
C GLY B 156 1.67 8.29 34.14
N LYS B 157 1.72 9.30 33.27
CA LYS B 157 0.69 9.40 32.21
C LYS B 157 1.03 8.41 31.09
N VAL B 158 2.32 8.10 30.96
CA VAL B 158 2.80 7.15 29.95
C VAL B 158 3.80 6.13 30.59
N ARG B 159 3.72 4.84 30.23
CA ARG B 159 4.59 3.85 30.83
C ARG B 159 5.99 3.78 30.24
N GLU B 160 6.04 3.86 28.90
CA GLU B 160 7.31 3.75 28.16
C GLU B 160 7.35 4.80 27.05
N ILE B 161 8.55 5.28 26.72
CA ILE B 161 8.68 6.39 25.72
C ILE B 161 9.68 5.98 24.61
N GLY B 162 9.41 6.41 23.37
CA GLY B 162 10.29 6.07 22.28
C GLY B 162 9.99 6.97 21.09
N ILE B 163 10.34 6.51 19.88
CA ILE B 163 10.23 7.35 18.74
C ILE B 163 9.87 6.42 17.58
N SER B 164 9.58 7.01 16.44
CA SER B 164 9.27 6.23 15.24
C SER B 164 10.09 6.90 14.07
N ASN B 165 10.59 6.07 13.12
CA ASN B 165 11.30 6.63 11.96
C ASN B 165 12.57 7.31 12.33
N ALA B 166 13.24 6.81 13.37
CA ALA B 166 14.48 7.48 13.81
C ALA B 166 15.67 6.79 13.20
N ALA B 167 16.62 7.57 12.70
CA ALA B 167 17.93 7.03 12.37
C ALA B 167 18.92 7.23 13.53
N ILE B 168 20.11 6.70 13.37
CA ILE B 168 21.17 6.75 14.44
C ILE B 168 21.36 8.17 14.98
N PRO B 169 21.53 9.17 14.09
CA PRO B 169 21.77 10.54 14.60
C PRO B 169 20.61 11.14 15.44
N HIS B 170 19.39 10.72 15.13
CA HIS B 170 18.25 11.09 15.94
C HIS B 170 18.27 10.38 17.25
N LEU B 171 18.52 9.08 17.26
CA LEU B 171 18.68 8.34 18.51
C LEU B 171 19.78 8.95 19.38
N GLU B 172 20.89 9.35 18.77
CA GLU B 172 21.98 9.92 19.56
C GLU B 172 21.56 11.21 20.24
N LYS B 173 20.70 11.96 19.58
CA LYS B 173 20.20 13.20 20.14
C LYS B 173 19.24 12.94 21.28
N LEU B 174 18.42 11.90 21.15
CA LEU B 174 17.60 11.55 22.31
C LEU B 174 18.47 11.05 23.46
N PHE B 175 19.51 10.29 23.18
CA PHE B 175 20.37 9.81 24.28
C PHE B 175 20.92 11.05 24.98
N ALA B 176 21.44 11.96 24.17
CA ALA B 176 22.06 13.17 24.73
C ALA B 176 21.12 13.96 25.57
N ALA B 177 19.85 14.02 25.18
CA ALA B 177 18.81 14.75 25.91
C ALA B 177 18.23 14.02 27.13
N SER B 178 18.59 12.78 27.34
CA SER B 178 17.95 12.02 28.40
C SER B 178 18.68 12.24 29.76
N PRO B 179 17.90 12.56 30.80
CA PRO B 179 18.41 12.87 32.14
C PRO B 179 19.20 11.72 32.71
N SER B 180 18.80 10.50 32.38
CA SER B 180 19.49 9.28 32.79
C SER B 180 19.07 8.14 31.86
N PRO B 181 19.74 6.98 31.99
CA PRO B 181 19.45 5.73 31.29
C PRO B 181 17.99 5.28 31.44
N GLU B 182 17.36 5.58 32.56
CA GLU B 182 15.99 5.20 32.78
C GLU B 182 15.04 5.84 31.71
N TYR B 183 15.53 6.92 31.10
CA TYR B 183 14.67 7.80 30.29
C TYR B 183 15.15 7.87 28.84
N TYR B 184 16.00 6.93 28.48
CA TYR B 184 16.38 6.73 27.10
C TYR B 184 15.18 6.27 26.32
N PRO B 185 15.17 6.46 24.98
CA PRO B 185 14.08 5.82 24.21
C PRO B 185 14.23 4.29 24.27
N VAL B 186 13.12 3.56 24.36
CA VAL B 186 13.15 2.12 24.46
C VAL B 186 12.41 1.44 23.28
N VAL B 187 11.84 2.26 22.38
CA VAL B 187 11.24 1.69 21.15
C VAL B 187 11.53 2.60 20.00
N ASN B 188 11.77 2.01 18.81
CA ASN B 188 11.86 2.76 17.56
C ASN B 188 11.00 1.99 16.54
N GLN B 189 9.87 2.59 16.19
CA GLN B 189 8.97 1.95 15.27
C GLN B 189 9.37 2.41 13.84
N ILE B 190 9.75 1.45 12.98
CA ILE B 190 10.31 1.77 11.63
C ILE B 190 9.66 0.94 10.61
N GLU B 191 9.79 1.32 9.34
CA GLU B 191 9.35 0.40 8.26
C GLU B 191 10.30 -0.75 8.24
N PHE B 192 9.77 -1.96 8.30
CA PHE B 192 10.68 -3.12 8.25
C PHE B 192 9.99 -4.27 7.55
N HIS B 193 10.72 -4.91 6.63
CA HIS B 193 10.23 -6.13 5.95
C HIS B 193 11.45 -6.62 5.11
N PRO B 194 11.29 -7.73 4.34
CA PRO B 194 12.55 -8.27 3.77
C PRO B 194 13.16 -7.31 2.74
N PHE B 195 12.34 -6.46 2.13
CA PHE B 195 12.82 -5.57 1.07
C PHE B 195 13.36 -4.28 1.64
N LEU B 196 13.17 -4.08 2.93
CA LEU B 196 13.75 -2.95 3.64
C LEU B 196 14.17 -3.40 5.03
N GLN B 197 15.22 -4.21 5.10
CA GLN B 197 15.66 -4.69 6.42
C GLN B 197 16.37 -3.64 7.25
N ASN B 198 16.73 -2.52 6.64
CA ASN B 198 17.23 -1.39 7.40
C ASN B 198 16.72 -0.08 6.88
N GLN B 199 15.75 0.49 7.58
CA GLN B 199 15.11 1.70 7.07
C GLN B 199 16.17 2.83 6.97
N SER B 200 17.13 2.82 7.87
CA SER B 200 18.30 3.73 7.74
C SER B 200 19.51 2.91 8.14
N LYS B 201 20.69 3.48 7.89
CA LYS B 201 21.96 2.82 8.23
C LYS B 201 22.05 1.99 9.54
N ASN B 202 22.22 0.70 9.38
CA ASN B 202 22.48 -0.20 10.47
C ASN B 202 21.45 -0.03 11.58
N ILE B 203 20.23 0.37 11.24
CA ILE B 203 19.35 0.85 12.32
C ILE B 203 18.91 -0.32 13.22
N VAL B 204 18.67 -1.49 12.64
CA VAL B 204 18.16 -2.62 13.46
C VAL B 204 19.18 -3.09 14.52
N ARG B 205 20.39 -3.32 14.06
CA ARG B 205 21.44 -3.73 14.94
C ARG B 205 21.75 -2.61 15.93
N PHE B 206 21.78 -1.36 15.50
CA PHE B 206 22.03 -0.24 16.45
C PHE B 206 20.98 -0.19 17.55
N CYS B 207 19.72 -0.25 17.12
CA CYS B 207 18.65 -0.33 18.11
C CYS B 207 18.85 -1.50 19.06
N GLN B 208 19.09 -2.71 18.53
CA GLN B 208 19.12 -3.91 19.39
C GLN B 208 20.27 -3.86 20.40
N GLU B 209 21.41 -3.40 19.91
CA GLU B 209 22.58 -3.24 20.79
C GLU B 209 22.46 -2.11 21.85
N HIS B 210 21.50 -1.19 21.66
CA HIS B 210 21.26 -0.13 22.58
C HIS B 210 20.00 -0.32 23.41
N GLY B 211 19.47 -1.54 23.47
CA GLY B 211 18.32 -1.82 24.36
C GLY B 211 17.03 -1.16 23.86
N ILE B 212 16.97 -0.94 22.54
CA ILE B 212 15.78 -0.33 21.93
C ILE B 212 15.02 -1.36 21.19
N LEU B 213 13.79 -1.63 21.61
CA LEU B 213 12.98 -2.58 20.84
C LEU B 213 12.59 -1.99 19.49
N VAL B 214 12.85 -2.71 18.40
CA VAL B 214 12.44 -2.23 17.08
C VAL B 214 11.02 -2.80 16.83
N GLU B 215 10.12 -1.96 16.34
CA GLU B 215 8.85 -2.44 15.91
C GLU B 215 8.85 -2.21 14.38
N ALA B 216 8.21 -3.11 13.65
CA ALA B 216 8.08 -3.05 12.21
C ALA B 216 6.68 -2.64 11.76
N PHE B 217 6.57 -1.50 11.09
CA PHE B 217 5.31 -1.32 10.36
C PHE B 217 5.52 -1.75 8.90
N SER B 218 4.42 -1.90 8.18
CA SER B 218 4.46 -2.50 6.83
C SER B 218 5.16 -3.84 6.70
N PRO B 219 5.05 -4.72 7.74
CA PRO B 219 5.80 -5.99 7.61
C PRO B 219 5.24 -6.86 6.45
N LEU B 220 4.01 -6.60 6.02
CA LEU B 220 3.46 -7.40 4.92
C LEU B 220 3.63 -6.67 3.55
N ALA B 221 4.50 -5.69 3.50
CA ALA B 221 4.70 -4.96 2.23
C ALA B 221 4.89 -5.91 0.98
N PRO B 222 5.61 -7.06 1.12
CA PRO B 222 5.75 -7.95 -0.07
C PRO B 222 4.42 -8.43 -0.60
N LEU B 223 3.46 -8.57 0.30
CA LEU B 223 2.15 -9.07 -0.08
C LEU B 223 1.25 -7.92 -0.45
N ALA B 224 1.29 -6.84 0.30
CA ALA B 224 0.20 -5.89 0.11
C ALA B 224 0.55 -4.67 -0.73
N ARG B 225 1.83 -4.34 -0.84
CA ARG B 225 2.23 -3.03 -1.41
C ARG B 225 2.91 -3.11 -2.75
N VAL B 226 3.77 -4.12 -2.96
CA VAL B 226 4.62 -4.17 -4.15
C VAL B 226 3.78 -4.67 -5.34
N GLU B 227 4.18 -4.29 -6.55
CA GLU B 227 3.58 -4.85 -7.79
C GLU B 227 4.10 -6.26 -8.05
N THR B 228 5.41 -6.48 -7.89
CA THR B 228 6.06 -7.81 -8.05
C THR B 228 6.72 -8.23 -6.74
N ASN B 229 6.47 -9.46 -6.26
CA ASN B 229 7.07 -9.93 -5.00
C ASN B 229 8.14 -11.00 -5.27
N ALA B 230 9.41 -10.63 -5.18
CA ALA B 230 10.49 -11.56 -5.47
C ALA B 230 10.52 -12.76 -4.51
N LEU B 231 9.90 -12.58 -3.34
CA LEU B 231 9.83 -13.65 -2.34
C LEU B 231 8.63 -14.55 -2.54
N ALA B 232 7.86 -14.34 -3.63
CA ALA B 232 6.57 -15.02 -3.67
C ALA B 232 6.74 -16.55 -3.61
N GLU B 233 7.72 -17.11 -4.33
CA GLU B 233 7.90 -18.61 -4.33
C GLU B 233 8.44 -19.15 -3.01
N THR B 234 9.38 -18.44 -2.43
CA THR B 234 9.89 -18.78 -1.10
C THR B 234 8.74 -18.82 -0.10
N LEU B 235 7.93 -17.78 -0.08
CA LEU B 235 6.88 -17.70 0.93
C LEU B 235 5.84 -18.78 0.77
N LYS B 236 5.50 -19.07 -0.49
CA LYS B 236 4.53 -20.15 -0.80
C LYS B 236 5.10 -21.47 -0.34
N ARG B 237 6.38 -21.68 -0.59
CA ARG B 237 6.97 -22.93 -0.19
C ARG B 237 6.89 -23.11 1.32
N LEU B 238 7.23 -22.04 2.04
CA LEU B 238 7.27 -22.11 3.49
C LEU B 238 5.87 -22.18 4.07
N ALA B 239 4.92 -21.49 3.44
CA ALA B 239 3.52 -21.61 3.85
C ALA B 239 3.07 -23.05 3.80
N GLU B 240 3.48 -23.74 2.74
CA GLU B 240 3.02 -25.11 2.51
C GLU B 240 3.67 -26.01 3.51
N LYS B 241 4.95 -25.77 3.75
CA LYS B 241 5.73 -26.58 4.66
C LYS B 241 5.15 -26.57 6.06
N TYR B 242 4.81 -25.37 6.54
CA TYR B 242 4.37 -25.16 7.90
C TYR B 242 2.86 -25.15 8.08
N LYS B 243 2.10 -25.29 6.98
CA LYS B 243 0.64 -25.18 7.04
C LYS B 243 0.28 -23.83 7.63
N LYS B 244 0.91 -22.81 7.05
CA LYS B 244 0.73 -21.43 7.45
C LYS B 244 0.42 -20.58 6.19
N THR B 245 0.05 -19.32 6.37
CA THR B 245 -0.12 -18.45 5.22
C THR B 245 1.18 -17.72 4.96
N GLU B 246 1.28 -17.15 3.77
CA GLU B 246 2.45 -16.35 3.49
C GLU B 246 2.57 -15.15 4.45
N ALA B 247 1.45 -14.55 4.84
CA ALA B 247 1.50 -13.47 5.85
C ALA B 247 2.09 -13.98 7.16
N GLN B 248 1.66 -15.16 7.60
CA GLN B 248 2.20 -15.69 8.88
C GLN B 248 3.68 -15.93 8.81
N VAL B 249 4.15 -16.41 7.65
CA VAL B 249 5.54 -16.64 7.45
C VAL B 249 6.28 -15.30 7.61
N LEU B 250 5.78 -14.21 6.99
CA LEU B 250 6.45 -12.93 7.14
C LEU B 250 6.43 -12.42 8.57
N LEU B 251 5.31 -12.52 9.22
CA LEU B 251 5.25 -12.01 10.59
C LEU B 251 6.15 -12.82 11.55
N ARG B 252 6.30 -14.14 11.31
CA ARG B 252 7.15 -14.99 12.14
C ARG B 252 8.64 -14.64 11.87
N TYR B 253 8.93 -14.40 10.58
CA TYR B 253 10.24 -13.98 10.21
C TYR B 253 10.63 -12.70 10.96
N THR B 254 9.70 -11.76 10.97
CA THR B 254 9.92 -10.48 11.68
C THR B 254 10.24 -10.70 13.14
N LEU B 255 9.40 -11.49 13.81
CA LEU B 255 9.64 -11.86 15.21
C LEU B 255 11.01 -12.53 15.39
N GLN B 256 11.38 -13.39 14.44
CA GLN B 256 12.64 -14.13 14.61
C GLN B 256 13.83 -13.22 14.39
N ARG B 257 13.65 -12.10 13.67
CA ARG B 257 14.68 -11.09 13.60
C ARG B 257 14.68 -10.22 14.86
N GLY B 258 13.80 -10.55 15.80
CA GLY B 258 13.79 -9.80 17.05
C GLY B 258 12.91 -8.52 17.05
N ILE B 259 11.96 -8.46 16.12
CA ILE B 259 11.27 -7.18 15.88
C ILE B 259 9.77 -7.43 16.07
N LEU B 260 9.05 -6.48 16.67
CA LEU B 260 7.59 -6.66 16.92
C LEU B 260 6.78 -6.07 15.80
N PRO B 261 6.07 -6.89 15.04
CA PRO B 261 5.21 -6.43 13.92
C PRO B 261 4.01 -5.64 14.32
N VAL B 262 3.73 -4.58 13.55
CA VAL B 262 2.51 -3.77 13.69
C VAL B 262 1.86 -3.98 12.32
N THR B 263 0.71 -4.63 12.33
CA THR B 263 0.04 -5.06 11.09
C THR B 263 -1.45 -4.68 11.21
N THR B 264 -2.23 -4.82 10.13
CA THR B 264 -3.61 -4.53 10.30
C THR B 264 -4.34 -5.30 9.23
N SER B 265 -5.61 -5.56 9.47
CA SER B 265 -6.46 -6.17 8.45
C SER B 265 -7.86 -5.92 8.89
N SER B 266 -8.78 -5.96 7.95
CA SER B 266 -10.18 -5.75 8.27
C SER B 266 -10.97 -7.07 8.25
N LYS B 267 -10.28 -8.16 7.87
CA LYS B 267 -10.89 -9.48 7.72
C LYS B 267 -10.69 -10.33 8.95
N GLU B 268 -11.77 -10.88 9.52
CA GLU B 268 -11.61 -11.80 10.66
C GLU B 268 -10.61 -12.95 10.48
N SER B 269 -10.64 -13.66 9.34
CA SER B 269 -9.71 -14.77 9.16
C SER B 269 -8.23 -14.29 9.24
N ARG B 270 -7.91 -13.17 8.60
CA ARG B 270 -6.52 -12.60 8.64
C ARG B 270 -6.09 -12.11 10.02
N LEU B 271 -7.06 -11.56 10.76
CA LEU B 271 -6.79 -11.17 12.14
C LEU B 271 -6.46 -12.38 12.99
N LYS B 272 -7.26 -13.47 12.94
CA LYS B 272 -6.83 -14.66 13.70
C LYS B 272 -5.52 -15.24 13.18
N GLU B 273 -5.29 -15.22 11.87
CA GLU B 273 -4.03 -15.78 11.39
C GLU B 273 -2.84 -14.99 11.95
N SER B 274 -2.99 -13.68 11.95
CA SER B 274 -1.93 -12.78 12.45
C SER B 274 -1.53 -13.07 13.93
N LEU B 275 -2.41 -13.70 14.71
CA LEU B 275 -2.10 -14.00 16.11
C LEU B 275 -1.42 -15.37 16.32
N ASN B 276 -1.63 -16.25 15.35
CA ASN B 276 -1.27 -17.64 15.50
C ASN B 276 0.10 -17.95 14.86
N LEU B 277 1.14 -17.39 15.49
CA LEU B 277 2.50 -17.41 14.98
C LEU B 277 3.44 -18.26 15.85
N PHE B 278 2.90 -18.78 16.96
CA PHE B 278 3.77 -19.35 18.03
C PHE B 278 3.81 -20.87 18.09
N ASP B 279 3.29 -21.53 17.07
CA ASP B 279 3.34 -22.99 17.01
C ASP B 279 4.23 -23.47 15.88
N PHE B 280 5.08 -22.59 15.33
CA PHE B 280 6.05 -23.01 14.31
C PHE B 280 7.26 -22.10 14.37
N GLU B 281 8.30 -22.47 13.66
CA GLU B 281 9.46 -21.60 13.58
C GLU B 281 10.22 -21.83 12.28
N LEU B 282 10.79 -20.77 11.73
CA LEU B 282 11.55 -20.91 10.50
C LEU B 282 12.95 -21.32 10.91
N THR B 283 13.62 -22.12 10.07
CA THR B 283 14.98 -22.49 10.34
C THR B 283 15.89 -21.33 10.00
N ASP B 284 17.12 -21.43 10.46
CA ASP B 284 18.15 -20.42 10.22
C ASP B 284 18.37 -20.20 8.73
N GLU B 285 18.45 -21.29 7.96
CA GLU B 285 18.59 -21.19 6.52
C GLU B 285 17.39 -20.53 5.91
N GLU B 286 16.21 -20.75 6.49
CA GLU B 286 15.02 -20.15 5.89
C GLU B 286 15.01 -18.62 6.13
N VAL B 287 15.37 -18.21 7.33
CA VAL B 287 15.48 -16.79 7.64
C VAL B 287 16.56 -16.20 6.71
N ASN B 288 17.65 -16.92 6.49
CA ASN B 288 18.71 -16.45 5.62
C ASN B 288 18.25 -16.34 4.14
N GLU B 289 17.43 -17.28 3.65
CA GLU B 289 16.89 -17.21 2.31
C GLU B 289 15.99 -15.95 2.16
N ILE B 290 15.12 -15.72 3.13
CA ILE B 290 14.31 -14.52 3.08
C ILE B 290 15.19 -13.28 3.20
N ASN B 291 16.22 -13.26 4.05
CA ASN B 291 17.12 -12.07 4.17
C ASN B 291 17.78 -11.74 2.82
N LYS B 292 18.19 -12.79 2.12
CA LYS B 292 19.04 -12.61 0.94
C LYS B 292 18.23 -12.19 -0.26
N ILE B 293 17.14 -12.89 -0.54
CA ILE B 293 16.27 -12.48 -1.60
C ILE B 293 15.74 -11.07 -1.33
N GLY B 294 15.48 -10.79 -0.05
CA GLY B 294 14.93 -9.47 0.28
C GLY B 294 15.94 -8.39 -0.02
N ASP B 295 17.19 -8.58 0.37
CA ASP B 295 18.23 -7.53 0.23
C ASP B 295 18.53 -7.36 -1.28
N ALA B 296 18.31 -8.41 -2.05
CA ALA B 296 18.54 -8.32 -3.51
C ALA B 296 17.44 -7.53 -4.26
N ASN B 297 16.30 -7.25 -3.59
CA ASN B 297 15.23 -6.57 -4.22
C ASN B 297 14.69 -5.45 -3.38
N PRO B 298 15.51 -4.40 -3.16
CA PRO B 298 15.06 -3.25 -2.29
C PRO B 298 13.73 -2.61 -2.69
N TYR B 299 12.90 -2.27 -1.69
CA TYR B 299 11.62 -1.59 -1.92
C TYR B 299 11.34 -0.83 -0.62
N ARG B 300 11.11 0.47 -0.72
CA ARG B 300 10.78 1.34 0.42
C ARG B 300 9.41 1.89 0.18
N ALA B 301 8.52 1.74 1.16
CA ALA B 301 7.18 2.30 0.96
C ALA B 301 7.04 3.76 1.45
N PHE B 302 7.83 4.11 2.45
CA PHE B 302 7.57 5.42 3.09
C PHE B 302 8.78 6.33 3.18
N PHE B 303 8.55 7.65 3.13
CA PHE B 303 9.62 8.60 3.53
C PHE B 303 10.85 8.55 2.70
N HIS B 304 10.66 8.40 1.37
CA HIS B 304 11.78 8.33 0.47
C HIS B 304 12.73 9.50 0.54
N GLU B 305 12.20 10.71 0.56
CA GLU B 305 13.06 11.92 0.57
C GLU B 305 13.77 12.10 1.95
N GLN B 306 13.12 11.69 3.03
CA GLN B 306 13.74 11.85 4.35
C GLN B 306 14.92 10.92 4.58
N PHE B 307 14.85 9.69 4.02
CA PHE B 307 15.89 8.71 4.24
C PHE B 307 16.96 8.66 3.15
N LYS B 308 16.90 9.59 2.20
CA LYS B 308 17.87 9.56 1.12
C LYS B 308 19.36 9.55 1.53
N ASP B 309 19.76 10.33 2.55
CA ASP B 309 21.16 10.37 2.94
C ASP B 309 21.33 9.83 4.36
N LEU B 310 20.46 8.90 4.74
CA LEU B 310 20.58 8.26 6.05
C LEU B 310 20.65 6.74 5.89
PA NDP C . -6.03 1.53 -5.09
O1A NDP C . -5.44 2.85 -5.17
O2A NDP C . -7.47 1.53 -5.62
O5B NDP C . -5.84 0.91 -3.56
C5B NDP C . -6.19 -0.40 -3.06
C4B NDP C . -6.35 -0.28 -1.55
O4B NDP C . -7.13 0.84 -1.21
C3B NDP C . -7.19 -1.46 -1.05
O3B NDP C . -6.26 -2.12 -0.29
C2B NDP C . -8.33 -0.88 -0.21
O2B NDP C . -8.51 -1.62 0.99
C1B NDP C . -7.94 0.57 -0.07
N9A NDP C . -9.18 1.39 -0.06
C8A NDP C . -10.25 1.35 -0.92
N7A NDP C . -11.15 2.27 -0.50
C5A NDP C . -10.67 2.87 0.62
C6A NDP C . -11.18 3.86 1.45
N6A NDP C . -12.45 4.20 1.29
N1A NDP C . -10.45 4.30 2.56
C2A NDP C . -9.19 3.72 2.83
N3A NDP C . -8.69 2.72 1.99
C4A NDP C . -9.43 2.33 0.91
O3 NDP C . -5.04 0.72 -6.17
PN NDP C . -3.83 -0.32 -5.99
O1N NDP C . -4.27 -1.44 -5.19
O2N NDP C . -2.55 0.30 -5.70
O5D NDP C . -3.84 -1.00 -7.47
C5D NDP C . -5.06 -1.51 -7.98
C4D NDP C . -4.73 -2.44 -9.18
O4D NDP C . -4.00 -1.65 -10.17
C3D NDP C . -3.94 -3.58 -8.84
O3D NDP C . -4.81 -4.55 -8.22
C2D NDP C . -3.40 -3.96 -10.21
O2D NDP C . -4.50 -4.43 -10.98
C1D NDP C . -3.19 -2.58 -10.89
N1N NDP C . -1.81 -2.12 -10.76
C2N NDP C . -0.95 -2.11 -11.83
C3N NDP C . 0.38 -1.76 -11.69
C7N NDP C . 1.18 -1.74 -12.97
O7N NDP C . 2.51 -1.87 -12.79
N7N NDP C . 0.59 -1.72 -14.18
C4N NDP C . 1.02 -1.39 -10.37
C5N NDP C . 0.00 -1.44 -9.27
C6N NDP C . -1.32 -1.84 -9.52
P2B NDP C . -9.82 -2.54 1.15
O1X NDP C . -9.85 -2.74 2.66
O2X NDP C . -10.97 -1.65 0.75
O3X NDP C . -9.57 -3.80 0.36
PA NDP D . 0.73 -4.33 7.03
O1A NDP D . 1.99 -4.67 6.41
O2A NDP D . 0.19 -5.36 8.03
O5B NDP D . -0.38 -4.15 5.84
C5B NDP D . -1.78 -3.92 5.95
C4B NDP D . -2.41 -4.40 4.65
O4B NDP D . -2.10 -5.78 4.54
C3B NDP D . -3.93 -4.36 4.76
O3B NDP D . -4.33 -3.68 3.62
C2B NDP D . -4.44 -5.79 4.72
O2B NDP D . -5.57 -5.91 3.87
C1B NDP D . -3.26 -6.45 4.05
N9A NDP D . -3.12 -7.88 4.28
C8A NDP D . -3.22 -8.59 5.43
N7A NDP D . -2.97 -9.85 5.04
C5A NDP D . -2.71 -9.92 3.71
C6A NDP D . -2.43 -10.96 2.87
N6A NDP D . -2.35 -12.17 3.40
N1A NDP D . -2.22 -10.75 1.53
C2A NDP D . -2.33 -9.47 1.00
N3A NDP D . -2.62 -8.43 1.87
C4A NDP D . -2.83 -8.69 3.21
O3 NDP D . 0.93 -2.84 7.75
PN NDP D . 0.62 -1.32 7.26
O1N NDP D . -0.79 -1.32 7.02
O2N NDP D . 1.59 -0.70 6.27
O5D NDP D . 0.85 -0.52 8.64
C5D NDP D . 0.22 -1.11 9.78
C4D NDP D . 0.13 -0.03 10.90
O4D NDP D . 1.43 0.39 11.28
C3D NDP D . -0.67 1.21 10.51
O3D NDP D . -2.09 0.98 10.61
C2D NDP D . -0.14 2.18 11.57
O2D NDP D . -0.78 1.82 12.82
C1D NDP D . 1.33 1.74 11.70
N1N NDP D . 2.17 2.54 10.79
C2N NDP D . 2.99 3.43 11.37
C3N NDP D . 3.82 4.22 10.60
C7N NDP D . 4.76 5.17 11.27
O7N NDP D . 5.20 6.20 10.49
N7N NDP D . 5.19 5.09 12.54
C4N NDP D . 3.82 4.17 9.10
C5N NDP D . 2.90 3.12 8.56
C6N NDP D . 2.08 2.37 9.43
P2B NDP D . -6.95 -6.56 4.46
O1X NDP D . -7.95 -6.63 3.30
O2X NDP D . -6.58 -7.91 5.00
O3X NDP D . -7.48 -5.66 5.49
#